data_3RVA
#
_entry.id   3RVA
#
_cell.length_a   133.770
_cell.length_b   49.190
_cell.length_c   97.340
_cell.angle_alpha   90.00
_cell.angle_beta   125.03
_cell.angle_gamma   90.00
#
_symmetry.space_group_name_H-M   'C 1 2 1'
#
loop_
_entity.id
_entity.type
_entity.pdbx_description
1 polymer 'Organophosphorus acid anhydrolase'
2 non-polymer 'MANGANESE (II) ION'
3 non-polymer 'PHOSPHATE ION'
4 non-polymer 'NICKEL (II) ION'
5 water water
#
_entity_poly.entity_id   1
_entity_poly.type   'polypeptide(L)'
_entity_poly.pdbx_seq_one_letter_code
;MSQHKATYQQHIEELQARTREALQREGLDGLVIHSGQGKRLFLDDNHYPFKVNPQFKAWVPVIDNPNCWLVVNGVDKPTL
IFYRPEDFWHKVPPEPNDFWTDSFDIKLLQQADAVEKFLPYDKSRFAYVGEYIEVAKALGFDNVNPDRVLHYLHYQRAYK
TDYELDCMREANKLAVAGHKAAEQAFREGKSEFDINLAYAAASRQGDNDVPYTSIVALNEHASILHYMQ(CSO)DTVAPK
ESRSFLIDAGANYHGYAADITRTYAQEGVHNSAMFRDLIQAVDKVTLTLVDSLKPGVAYTDIHLLAHDGIAQILHDTGMV
NLTPPEIVEMGITRTFFPHGIGHFLGLQVHDVGGLVNDDRGTPKPAPDDHPFLRCTRMVEARQVFTIEPGLYFIDSLLRD
LKATPASKYINWDTIDAYKPFGGIRIEDNIIVHRDKNENMTRDLDLNLEHHHHHH
;
_entity_poly.pdbx_strand_id   A
#
# COMPACT_ATOMS: atom_id res chain seq x y z
N SER A 2 9.73 -20.05 -12.18
CA SER A 2 11.23 -20.05 -12.25
C SER A 2 11.93 -20.33 -10.91
N GLN A 3 11.33 -19.88 -9.81
CA GLN A 3 11.84 -20.17 -8.46
C GLN A 3 10.74 -20.26 -7.36
N HIS A 4 9.49 -20.09 -7.78
CA HIS A 4 8.38 -19.86 -6.87
C HIS A 4 7.93 -21.07 -6.07
N LYS A 5 8.05 -22.27 -6.62
CA LYS A 5 7.60 -23.42 -5.85
C LYS A 5 8.48 -23.65 -4.62
N ALA A 6 9.80 -23.60 -4.77
CA ALA A 6 10.71 -23.80 -3.64
C ALA A 6 10.58 -22.64 -2.66
N THR A 7 10.56 -21.42 -3.16
CA THR A 7 10.44 -20.25 -2.24
C THR A 7 9.09 -20.28 -1.52
N TYR A 8 8.04 -20.68 -2.22
CA TYR A 8 6.71 -20.79 -1.58
C TYR A 8 6.70 -21.84 -0.47
N GLN A 9 7.33 -22.99 -0.71
CA GLN A 9 7.39 -24.00 0.35
C GLN A 9 8.12 -23.50 1.60
N GLN A 10 9.14 -22.67 1.40
CA GLN A 10 9.84 -22.05 2.51
C GLN A 10 8.94 -21.01 3.21
N HIS A 11 8.15 -20.28 2.41
CA HIS A 11 7.16 -19.35 2.93
C HIS A 11 6.17 -20.06 3.86
N ILE A 12 5.62 -21.19 3.41
CA ILE A 12 4.73 -22.01 4.22
C ILE A 12 5.40 -22.45 5.54
N GLU A 13 6.66 -22.89 5.51
CA GLU A 13 7.33 -23.29 6.73
CA GLU A 13 7.38 -23.27 6.73
C GLU A 13 7.41 -22.10 7.71
N GLU A 14 7.69 -20.90 7.18
CA GLU A 14 7.78 -19.72 8.04
C GLU A 14 6.41 -19.40 8.65
N LEU A 15 5.37 -19.50 7.83
CA LEU A 15 3.99 -19.23 8.32
C LEU A 15 3.55 -20.25 9.38
N GLN A 16 3.92 -21.51 9.18
CA GLN A 16 3.62 -22.55 10.17
C GLN A 16 4.30 -22.20 11.49
N ALA A 17 5.55 -21.75 11.44
CA ALA A 17 6.30 -21.35 12.65
C ALA A 17 5.62 -20.19 13.38
N ARG A 18 5.21 -19.17 12.63
CA ARG A 18 4.52 -18.04 13.19
C ARG A 18 3.19 -18.47 13.82
N THR A 19 2.53 -19.42 13.17
CA THR A 19 1.22 -19.89 13.62
C THR A 19 1.37 -20.63 14.95
N ARG A 20 2.39 -21.47 15.06
CA ARG A 20 2.71 -22.13 16.33
C ARG A 20 2.89 -21.14 17.48
N GLU A 21 3.60 -20.04 17.23
CA GLU A 21 3.83 -19.05 18.26
C GLU A 21 2.53 -18.33 18.62
N ALA A 22 1.75 -17.92 17.61
CA ALA A 22 0.50 -17.21 17.86
C ALA A 22 -0.46 -18.07 18.68
N LEU A 23 -0.53 -19.35 18.34
CA LEU A 23 -1.43 -20.30 19.00
C LEU A 23 -1.04 -20.50 20.48
N GLN A 24 0.26 -20.57 20.75
CA GLN A 24 0.77 -20.67 22.12
CA GLN A 24 0.78 -20.67 22.12
C GLN A 24 0.39 -19.46 22.96
N ARG A 25 0.49 -18.26 22.37
CA ARG A 25 0.17 -17.06 23.14
C ARG A 25 -1.29 -16.97 23.53
N GLU A 26 -2.18 -17.43 22.65
CA GLU A 26 -3.60 -17.34 22.91
C GLU A 26 -4.13 -18.59 23.64
N GLY A 27 -3.34 -19.66 23.67
CA GLY A 27 -3.82 -20.94 24.26
C GLY A 27 -4.79 -21.73 23.39
N LEU A 28 -4.54 -21.78 22.08
CA LEU A 28 -5.46 -22.42 21.12
C LEU A 28 -4.77 -23.56 20.39
N ASP A 29 -5.56 -24.44 19.79
CA ASP A 29 -5.07 -25.53 18.97
C ASP A 29 -5.00 -25.20 17.46
N GLY A 30 -5.70 -24.15 17.02
CA GLY A 30 -5.68 -23.81 15.61
C GLY A 30 -6.48 -22.58 15.27
N LEU A 31 -6.32 -22.12 14.03
CA LEU A 31 -7.06 -21.02 13.48
C LEU A 31 -7.90 -21.51 12.32
N VAL A 32 -9.07 -20.90 12.15
CA VAL A 32 -9.88 -21.09 10.99
C VAL A 32 -9.96 -19.69 10.34
N ILE A 33 -9.41 -19.59 9.13
CA ILE A 33 -9.19 -18.30 8.44
C ILE A 33 -10.09 -18.24 7.23
N HIS A 34 -10.99 -17.26 7.20
CA HIS A 34 -12.08 -17.17 6.24
C HIS A 34 -11.75 -16.17 5.13
N SER A 35 -11.75 -16.61 3.87
CA SER A 35 -11.43 -15.69 2.75
C SER A 35 -12.38 -14.50 2.67
N GLY A 36 -13.63 -14.73 3.05
CA GLY A 36 -14.69 -13.71 3.03
C GLY A 36 -15.92 -14.25 2.32
N GLN A 37 -16.82 -13.35 1.94
CA GLN A 37 -18.11 -13.68 1.38
C GLN A 37 -18.46 -12.59 0.38
N GLY A 38 -19.41 -12.90 -0.48
CA GLY A 38 -19.95 -11.85 -1.36
C GLY A 38 -20.77 -10.89 -0.50
N LYS A 39 -20.71 -9.59 -0.83
CA LYS A 39 -21.50 -8.52 -0.17
C LYS A 39 -22.52 -7.99 -1.18
N ARG A 40 -23.81 -8.10 -0.86
CA ARG A 40 -24.87 -7.67 -1.75
C ARG A 40 -25.16 -6.16 -1.51
N LEU A 41 -25.43 -5.41 -2.57
CA LEU A 41 -25.87 -4.02 -2.46
C LEU A 41 -27.27 -3.95 -1.82
N PHE A 42 -27.47 -2.93 -0.99
CA PHE A 42 -28.75 -2.67 -0.31
C PHE A 42 -29.89 -2.66 -1.30
N LEU A 43 -30.93 -3.46 -0.98
CA LEU A 43 -32.15 -3.62 -1.75
C LEU A 43 -31.92 -4.16 -3.18
N ASP A 44 -30.73 -4.69 -3.46
CA ASP A 44 -30.34 -4.97 -4.84
C ASP A 44 -29.77 -6.40 -4.94
N ASP A 45 -29.57 -6.89 -6.14
CA ASP A 45 -28.93 -8.21 -6.32
C ASP A 45 -27.52 -8.14 -6.90
N ASN A 46 -27.03 -6.94 -7.17
CA ASN A 46 -25.62 -6.75 -7.50
C ASN A 46 -24.77 -6.95 -6.25
N HIS A 47 -23.48 -7.19 -6.46
CA HIS A 47 -22.53 -7.36 -5.37
C HIS A 47 -21.39 -6.37 -5.49
N TYR A 48 -20.82 -6.02 -4.34
CA TYR A 48 -19.56 -5.31 -4.28
C TYR A 48 -18.44 -6.16 -4.85
N PRO A 49 -17.37 -5.53 -5.34
CA PRO A 49 -16.20 -6.34 -5.72
C PRO A 49 -15.65 -7.09 -4.54
N PHE A 50 -15.31 -8.37 -4.74
CA PHE A 50 -14.82 -9.18 -3.65
C PHE A 50 -13.39 -8.80 -3.27
N LYS A 51 -13.18 -8.63 -1.99
CA LYS A 51 -11.86 -8.28 -1.42
C LYS A 51 -11.47 -9.29 -0.35
N VAL A 52 -10.45 -10.08 -0.66
CA VAL A 52 -10.06 -11.19 0.20
C VAL A 52 -9.49 -10.73 1.53
N ASN A 53 -9.83 -11.45 2.58
CA ASN A 53 -9.23 -11.27 3.89
C ASN A 53 -7.69 -11.35 3.79
N PRO A 54 -6.96 -10.28 4.21
CA PRO A 54 -5.50 -10.29 4.14
C PRO A 54 -4.86 -11.47 4.84
N GLN A 55 -5.47 -11.93 5.92
CA GLN A 55 -4.95 -13.09 6.70
C GLN A 55 -5.10 -14.42 5.92
N PHE A 56 -6.03 -14.46 4.99
CA PHE A 56 -6.19 -15.62 4.11
C PHE A 56 -5.14 -15.62 2.98
N LYS A 57 -5.04 -14.50 2.27
CA LYS A 57 -4.08 -14.42 1.14
C LYS A 57 -2.62 -14.41 1.63
N ALA A 58 -2.44 -14.13 2.92
CA ALA A 58 -1.13 -14.29 3.56
C ALA A 58 -0.57 -15.71 3.42
N TRP A 59 -1.45 -16.71 3.33
CA TRP A 59 -1.05 -18.12 3.15
C TRP A 59 -1.02 -18.60 1.69
N VAL A 60 -1.94 -18.12 0.86
CA VAL A 60 -2.23 -18.78 -0.40
C VAL A 60 -2.70 -17.74 -1.42
N PRO A 61 -2.24 -17.86 -2.68
CA PRO A 61 -2.54 -16.83 -3.69
C PRO A 61 -3.90 -17.06 -4.36
N VAL A 62 -4.91 -17.18 -3.52
CA VAL A 62 -6.28 -17.32 -3.99
C VAL A 62 -6.92 -16.06 -3.49
N ILE A 63 -7.08 -15.10 -4.41
CA ILE A 63 -7.51 -13.76 -4.03
C ILE A 63 -8.87 -13.37 -4.55
N ASP A 64 -9.45 -14.19 -5.42
CA ASP A 64 -10.70 -13.90 -6.09
CA ASP A 64 -10.72 -13.87 -6.06
C ASP A 64 -11.83 -14.87 -5.72
N ASN A 65 -11.66 -15.61 -4.62
CA ASN A 65 -12.60 -16.68 -4.26
C ASN A 65 -13.20 -16.58 -2.85
N PRO A 66 -14.47 -16.22 -2.76
CA PRO A 66 -15.14 -16.14 -1.48
C PRO A 66 -15.45 -17.53 -0.97
N ASN A 67 -15.84 -17.62 0.29
CA ASN A 67 -16.29 -18.86 0.90
C ASN A 67 -15.21 -19.95 0.97
N CYS A 68 -13.94 -19.53 1.07
CA CYS A 68 -12.83 -20.44 1.28
C CYS A 68 -12.35 -20.29 2.71
N TRP A 69 -11.78 -21.37 3.23
CA TRP A 69 -11.41 -21.45 4.63
C TRP A 69 -10.14 -22.23 4.79
N LEU A 70 -9.17 -21.65 5.51
CA LEU A 70 -8.00 -22.37 5.94
C LEU A 70 -8.16 -22.87 7.36
N VAL A 71 -7.71 -24.10 7.62
CA VAL A 71 -7.63 -24.62 8.99
C VAL A 71 -6.15 -24.96 9.23
N VAL A 72 -5.52 -24.22 10.13
CA VAL A 72 -4.09 -24.35 10.36
C VAL A 72 -3.80 -24.54 11.84
N ASN A 73 -2.79 -25.36 12.12
CA ASN A 73 -2.31 -25.56 13.49
C ASN A 73 -0.80 -25.41 13.66
N GLY A 74 -0.12 -25.04 12.58
CA GLY A 74 1.31 -24.81 12.60
C GLY A 74 2.16 -26.07 12.55
N VAL A 75 1.52 -27.24 12.48
CA VAL A 75 2.23 -28.53 12.48
C VAL A 75 1.83 -29.38 11.29
N ASP A 76 0.55 -29.65 11.16
CA ASP A 76 0.04 -30.42 10.05
C ASP A 76 -0.04 -29.58 8.79
N LYS A 77 -0.12 -30.30 7.66
CA LYS A 77 -0.35 -29.66 6.39
C LYS A 77 -1.67 -28.87 6.50
N PRO A 78 -1.63 -27.59 6.14
CA PRO A 78 -2.81 -26.78 6.29
C PRO A 78 -3.97 -27.34 5.43
N THR A 79 -5.18 -27.24 5.93
CA THR A 79 -6.35 -27.60 5.19
C THR A 79 -6.91 -26.38 4.49
N LEU A 80 -7.18 -26.53 3.21
CA LEU A 80 -7.84 -25.50 2.43
C LEU A 80 -9.18 -26.01 1.95
N ILE A 81 -10.25 -25.41 2.48
CA ILE A 81 -11.60 -25.66 1.98
C ILE A 81 -11.84 -24.67 0.85
N PHE A 82 -11.96 -25.17 -0.37
CA PHE A 82 -11.85 -24.37 -1.59
C PHE A 82 -13.22 -24.34 -2.27
N TYR A 83 -13.77 -23.14 -2.41
CA TYR A 83 -15.10 -22.94 -3.00
C TYR A 83 -15.09 -23.16 -4.51
N ARG A 84 -15.91 -24.10 -4.98
CA ARG A 84 -15.97 -24.45 -6.39
C ARG A 84 -17.39 -24.92 -6.71
N PRO A 85 -18.31 -23.96 -6.80
CA PRO A 85 -19.70 -24.32 -7.16
C PRO A 85 -19.73 -24.84 -8.59
N GLU A 86 -20.71 -25.68 -8.88
CA GLU A 86 -20.79 -26.31 -10.19
C GLU A 86 -22.07 -25.98 -10.95
N ASP A 87 -22.82 -24.97 -10.51
CA ASP A 87 -24.07 -24.57 -11.17
C ASP A 87 -23.77 -24.16 -12.61
N PHE A 88 -24.74 -24.34 -13.50
CA PHE A 88 -24.49 -24.21 -14.93
C PHE A 88 -24.04 -22.81 -15.38
N TRP A 89 -24.35 -21.77 -14.57
CA TRP A 89 -24.03 -20.39 -14.94
C TRP A 89 -22.59 -19.96 -14.64
N HIS A 90 -21.87 -20.82 -13.92
CA HIS A 90 -20.49 -20.58 -13.50
C HIS A 90 -19.46 -21.14 -14.47
N LYS A 91 -18.35 -20.43 -14.58
CA LYS A 91 -17.15 -20.95 -15.21
C LYS A 91 -16.51 -21.88 -14.18
N VAL A 92 -16.60 -23.20 -14.37
CA VAL A 92 -16.02 -24.12 -13.39
C VAL A 92 -14.58 -24.43 -13.79
N PRO A 93 -13.62 -23.91 -13.01
CA PRO A 93 -12.24 -24.20 -13.39
C PRO A 93 -11.85 -25.65 -13.07
N PRO A 94 -10.74 -26.12 -13.65
CA PRO A 94 -10.20 -27.39 -13.18
C PRO A 94 -9.91 -27.33 -11.69
N GLU A 95 -9.96 -28.47 -11.04
CA GLU A 95 -9.53 -28.57 -9.66
C GLU A 95 -8.15 -27.94 -9.53
N PRO A 96 -7.91 -27.25 -8.40
CA PRO A 96 -6.69 -26.49 -8.21
C PRO A 96 -5.46 -27.35 -8.43
N ASN A 97 -4.56 -26.86 -9.26
CA ASN A 97 -3.28 -27.52 -9.46
C ASN A 97 -2.23 -26.53 -9.95
N ASP A 98 -1.33 -26.13 -9.07
CA ASP A 98 -0.42 -25.04 -9.37
C ASP A 98 0.68 -25.16 -8.37
N PHE A 99 1.64 -24.24 -8.40
CA PHE A 99 2.81 -24.35 -7.57
C PHE A 99 2.52 -24.50 -6.07
N TRP A 100 1.40 -23.91 -5.63
CA TRP A 100 1.02 -23.84 -4.21
C TRP A 100 0.22 -25.04 -3.69
N THR A 101 -0.40 -25.82 -4.58
CA THR A 101 -1.45 -26.78 -4.19
C THR A 101 -0.90 -27.95 -3.41
N ASP A 102 0.35 -28.39 -3.67
CA ASP A 102 0.94 -29.51 -2.90
C ASP A 102 1.06 -29.16 -1.41
N SER A 103 1.04 -27.87 -1.09
CA SER A 103 1.19 -27.44 0.31
C SER A 103 -0.05 -27.62 1.17
N PHE A 104 -1.16 -27.97 0.56
CA PHE A 104 -2.45 -28.05 1.25
C PHE A 104 -3.16 -29.37 1.07
N ASP A 105 -3.95 -29.73 2.08
CA ASP A 105 -5.00 -30.73 1.92
C ASP A 105 -6.26 -29.98 1.49
N ILE A 106 -6.63 -30.15 0.23
CA ILE A 106 -7.69 -29.38 -0.38
C ILE A 106 -9.00 -30.14 -0.39
N LYS A 107 -10.04 -29.50 0.14
CA LYS A 107 -11.39 -30.04 0.25
C LYS A 107 -12.26 -29.12 -0.61
N LEU A 108 -12.93 -29.65 -1.61
CA LEU A 108 -13.82 -28.85 -2.44
C LEU A 108 -15.17 -28.62 -1.80
N LEU A 109 -15.63 -27.38 -1.83
CA LEU A 109 -16.90 -26.96 -1.24
C LEU A 109 -17.80 -26.46 -2.37
N GLN A 110 -18.95 -27.11 -2.60
CA GLN A 110 -19.86 -26.70 -3.68
C GLN A 110 -20.90 -25.70 -3.24
N GLN A 111 -21.22 -25.68 -1.96
CA GLN A 111 -22.25 -24.81 -1.40
C GLN A 111 -21.65 -24.10 -0.22
N ALA A 112 -21.65 -22.77 -0.24
CA ALA A 112 -21.07 -22.00 0.86
C ALA A 112 -21.64 -22.39 2.22
N ASP A 113 -22.96 -22.65 2.28
CA ASP A 113 -23.61 -22.95 3.56
C ASP A 113 -23.32 -24.36 4.09
N ALA A 114 -22.59 -25.16 3.32
CA ALA A 114 -22.26 -26.56 3.67
C ALA A 114 -20.91 -26.69 4.36
N VAL A 115 -20.26 -25.58 4.69
CA VAL A 115 -18.90 -25.60 5.22
C VAL A 115 -18.76 -26.32 6.56
N GLU A 116 -19.81 -26.37 7.39
CA GLU A 116 -19.66 -27.03 8.70
C GLU A 116 -19.07 -28.43 8.64
N LYS A 117 -19.36 -29.17 7.59
CA LYS A 117 -18.91 -30.55 7.49
C LYS A 117 -17.40 -30.69 7.42
N PHE A 118 -16.68 -29.63 7.06
CA PHE A 118 -15.23 -29.65 6.95
C PHE A 118 -14.52 -28.99 8.12
N LEU A 119 -15.28 -28.35 9.02
CA LEU A 119 -14.71 -27.61 10.15
C LEU A 119 -14.55 -28.49 11.40
N PRO A 120 -13.70 -28.06 12.35
CA PRO A 120 -13.58 -28.83 13.58
C PRO A 120 -14.89 -28.98 14.34
N TYR A 121 -15.07 -30.16 14.91
CA TYR A 121 -16.22 -30.49 15.75
C TYR A 121 -16.18 -29.66 17.03
N ASP A 122 -15.07 -29.78 17.77
CA ASP A 122 -14.87 -29.01 19.00
C ASP A 122 -14.16 -27.69 18.68
N LYS A 123 -14.94 -26.64 18.44
CA LYS A 123 -14.38 -25.31 18.12
C LYS A 123 -13.86 -24.52 19.31
N SER A 124 -14.08 -25.01 20.53
CA SER A 124 -13.66 -24.30 21.73
C SER A 124 -12.17 -24.00 21.73
N ARG A 125 -11.41 -24.82 21.01
CA ARG A 125 -9.97 -24.72 20.93
C ARG A 125 -9.48 -23.92 19.68
N PHE A 126 -10.40 -23.36 18.91
CA PHE A 126 -10.04 -22.70 17.63
C PHE A 126 -10.49 -21.25 17.64
N ALA A 127 -9.80 -20.40 16.86
CA ALA A 127 -10.24 -19.02 16.69
C ALA A 127 -10.55 -18.79 15.23
N TYR A 128 -11.69 -18.16 14.97
CA TYR A 128 -12.04 -17.72 13.62
C TYR A 128 -11.30 -16.42 13.35
N VAL A 129 -10.75 -16.28 12.16
CA VAL A 129 -10.04 -15.08 11.77
C VAL A 129 -10.69 -14.64 10.46
N GLY A 130 -11.40 -13.52 10.50
CA GLY A 130 -12.21 -13.10 9.36
C GLY A 130 -13.18 -12.00 9.74
N GLU A 131 -13.85 -11.47 8.72
CA GLU A 131 -14.73 -10.33 8.87
C GLU A 131 -16.15 -10.72 9.35
N TYR A 132 -16.57 -11.97 9.05
CA TYR A 132 -17.98 -12.39 9.19
C TYR A 132 -18.19 -13.02 10.57
N ILE A 133 -18.11 -12.16 11.58
CA ILE A 133 -18.06 -12.57 12.98
C ILE A 133 -19.40 -13.12 13.46
N GLU A 134 -20.48 -12.68 12.85
CA GLU A 134 -21.80 -13.28 13.12
C GLU A 134 -21.94 -14.66 12.46
N VAL A 135 -21.39 -14.83 11.26
CA VAL A 135 -21.31 -16.16 10.65
C VAL A 135 -20.51 -17.11 11.56
N ALA A 136 -19.36 -16.64 12.07
CA ALA A 136 -18.52 -17.49 12.92
C ALA A 136 -19.27 -17.86 14.18
N LYS A 137 -20.01 -16.91 14.74
CA LYS A 137 -20.79 -17.20 15.94
CA LYS A 137 -20.84 -17.15 15.94
C LYS A 137 -21.82 -18.31 15.69
N ALA A 138 -22.53 -18.23 14.58
CA ALA A 138 -23.54 -19.25 14.19
C ALA A 138 -22.89 -20.61 14.05
N LEU A 139 -21.72 -20.63 13.38
CA LEU A 139 -20.95 -21.86 13.23
C LEU A 139 -20.41 -22.42 14.55
N GLY A 140 -20.39 -21.62 15.61
CA GLY A 140 -19.96 -22.08 16.93
C GLY A 140 -18.62 -21.56 17.49
N PHE A 141 -18.01 -20.56 16.85
CA PHE A 141 -16.76 -19.99 17.35
C PHE A 141 -17.05 -18.90 18.37
N ASP A 142 -16.60 -19.09 19.60
CA ASP A 142 -16.62 -18.05 20.64
C ASP A 142 -15.37 -17.17 20.57
N ASN A 143 -14.29 -17.69 20.00
CA ASN A 143 -13.06 -16.90 19.86
CA ASN A 143 -13.04 -16.98 19.84
C ASN A 143 -12.94 -16.40 18.43
N VAL A 144 -13.02 -15.09 18.30
CA VAL A 144 -13.04 -14.43 17.02
C VAL A 144 -11.94 -13.34 17.03
N ASN A 145 -11.09 -13.35 16.00
CA ASN A 145 -10.04 -12.33 15.79
C ASN A 145 -9.25 -11.96 17.06
N PRO A 146 -8.67 -12.96 17.72
CA PRO A 146 -8.04 -12.66 19.01
C PRO A 146 -6.85 -11.72 18.88
N ASP A 147 -6.82 -10.70 19.74
CA ASP A 147 -5.80 -9.66 19.68
C ASP A 147 -4.39 -10.23 19.79
N ARG A 148 -4.18 -11.23 20.63
CA ARG A 148 -2.82 -11.74 20.80
C ARG A 148 -2.30 -12.37 19.52
N VAL A 149 -3.19 -13.04 18.81
CA VAL A 149 -2.83 -13.69 17.58
C VAL A 149 -2.56 -12.61 16.53
N LEU A 150 -3.50 -11.70 16.36
CA LEU A 150 -3.37 -10.70 15.28
C LEU A 150 -2.21 -9.74 15.52
N HIS A 151 -1.98 -9.33 16.77
CA HIS A 151 -0.84 -8.44 17.06
C HIS A 151 0.49 -9.09 16.72
N TYR A 152 0.61 -10.39 17.04
CA TYR A 152 1.82 -11.15 16.73
C TYR A 152 2.01 -11.32 15.21
N LEU A 153 0.98 -11.78 14.52
CA LEU A 153 1.06 -11.97 13.06
C LEU A 153 1.28 -10.66 12.31
N HIS A 154 0.61 -9.59 12.73
CA HIS A 154 0.83 -8.27 12.14
C HIS A 154 2.24 -7.78 12.34
N TYR A 155 2.82 -8.01 13.53
CA TYR A 155 4.19 -7.61 13.76
C TYR A 155 5.15 -8.35 12.80
N GLN A 156 4.92 -9.64 12.60
CA GLN A 156 5.83 -10.47 11.82
C GLN A 156 5.65 -10.19 10.32
N ARG A 157 4.47 -9.71 9.92
CA ARG A 157 4.21 -9.33 8.52
C ARG A 157 5.20 -8.30 7.98
N ALA A 158 5.82 -7.50 8.86
CA ALA A 158 6.87 -6.57 8.46
C ALA A 158 8.07 -7.23 7.75
N TYR A 159 8.34 -8.49 8.08
CA TYR A 159 9.56 -9.18 7.64
C TYR A 159 9.12 -10.13 6.54
N LYS A 160 9.42 -9.76 5.30
CA LYS A 160 8.91 -10.49 4.14
C LYS A 160 9.80 -11.69 3.88
N THR A 161 9.17 -12.81 3.52
CA THR A 161 9.88 -14.02 3.08
C THR A 161 10.40 -13.80 1.63
N ASP A 162 11.33 -14.65 1.19
CA ASP A 162 11.84 -14.58 -0.18
C ASP A 162 10.71 -14.64 -1.22
N TYR A 163 9.73 -15.50 -1.00
CA TYR A 163 8.57 -15.59 -1.86
C TYR A 163 7.81 -14.26 -1.92
N GLU A 164 7.58 -13.68 -0.76
CA GLU A 164 6.89 -12.41 -0.69
C GLU A 164 7.67 -11.31 -1.41
N LEU A 165 8.98 -11.27 -1.23
CA LEU A 165 9.79 -10.26 -1.90
C LEU A 165 9.69 -10.40 -3.43
N ASP A 166 9.69 -11.65 -3.92
CA ASP A 166 9.50 -11.89 -5.36
C ASP A 166 8.16 -11.42 -5.87
N CYS A 167 7.11 -11.69 -5.10
CA CYS A 167 5.78 -11.23 -5.50
C CYS A 167 5.74 -9.68 -5.55
N MET A 168 6.42 -9.04 -4.63
CA MET A 168 6.44 -7.59 -4.59
C MET A 168 7.24 -7.01 -5.75
N ARG A 169 8.34 -7.65 -6.11
CA ARG A 169 9.06 -7.29 -7.33
C ARG A 169 8.20 -7.38 -8.59
N GLU A 170 7.42 -8.46 -8.74
CA GLU A 170 6.52 -8.60 -9.88
C GLU A 170 5.42 -7.54 -9.86
N ALA A 171 4.89 -7.21 -8.69
CA ALA A 171 3.87 -6.15 -8.64
C ALA A 171 4.48 -4.83 -9.10
N ASN A 172 5.71 -4.57 -8.67
CA ASN A 172 6.39 -3.35 -9.11
C ASN A 172 6.57 -3.26 -10.64
N LYS A 173 6.88 -4.40 -11.26
CA LYS A 173 7.05 -4.47 -12.69
C LYS A 173 5.78 -4.09 -13.43
N LEU A 174 4.65 -4.60 -12.96
CA LEU A 174 3.38 -4.28 -13.61
C LEU A 174 3.03 -2.80 -13.44
N ALA A 175 3.20 -2.29 -12.22
CA ALA A 175 2.95 -0.89 -11.93
C ALA A 175 3.83 0.03 -12.79
N VAL A 176 5.12 -0.28 -12.88
CA VAL A 176 6.04 0.56 -13.68
C VAL A 176 5.58 0.66 -15.14
N ALA A 177 5.10 -0.45 -15.71
CA ALA A 177 4.61 -0.45 -17.07
C ALA A 177 3.46 0.50 -17.20
N GLY A 178 2.54 0.46 -16.23
CA GLY A 178 1.42 1.39 -16.24
C GLY A 178 1.90 2.83 -16.15
N HIS A 179 2.83 3.08 -15.24
CA HIS A 179 3.35 4.44 -15.02
C HIS A 179 3.96 5.06 -16.28
N LYS A 180 4.77 4.29 -17.01
CA LYS A 180 5.37 4.76 -18.26
C LYS A 180 4.32 5.09 -19.31
N ALA A 181 3.26 4.26 -19.38
CA ALA A 181 2.17 4.54 -20.31
C ALA A 181 1.37 5.75 -19.91
N ALA A 182 1.13 5.92 -18.62
CA ALA A 182 0.42 7.10 -18.16
C ALA A 182 1.17 8.41 -18.50
N GLU A 183 2.48 8.43 -18.35
CA GLU A 183 3.27 9.62 -18.71
C GLU A 183 3.07 9.97 -20.20
N GLN A 184 3.09 8.94 -21.06
CA GLN A 184 2.93 9.18 -22.49
C GLN A 184 1.57 9.76 -22.78
N ALA A 185 0.53 9.20 -22.16
CA ALA A 185 -0.82 9.69 -22.35
C ALA A 185 -0.93 11.16 -21.91
N PHE A 186 -0.31 11.51 -20.78
CA PHE A 186 -0.28 12.92 -20.34
C PHE A 186 0.32 13.85 -21.40
N ARG A 187 1.45 13.44 -21.94
CA ARG A 187 2.16 14.23 -22.95
C ARG A 187 1.42 14.31 -24.30
N GLU A 188 0.45 13.41 -24.50
CA GLU A 188 -0.47 13.46 -25.64
C GLU A 188 -1.67 14.37 -25.42
N GLY A 189 -1.79 14.97 -24.24
CA GLY A 189 -2.89 15.84 -23.95
C GLY A 189 -4.18 15.17 -23.52
N LYS A 190 -4.09 13.91 -23.12
CA LYS A 190 -5.30 13.13 -22.78
CA LYS A 190 -5.27 13.12 -22.76
C LYS A 190 -5.87 13.51 -21.43
N SER A 191 -7.19 13.36 -21.29
CA SER A 191 -7.90 13.57 -20.01
C SER A 191 -7.40 12.61 -18.91
N GLU A 192 -7.73 12.92 -17.66
CA GLU A 192 -7.46 12.04 -16.51
C GLU A 192 -8.03 10.63 -16.73
N PHE A 193 -9.28 10.57 -17.15
CA PHE A 193 -9.94 9.30 -17.46
C PHE A 193 -9.18 8.47 -18.49
N ASP A 194 -8.76 9.10 -19.59
CA ASP A 194 -8.05 8.38 -20.62
C ASP A 194 -6.64 8.00 -20.25
N ILE A 195 -6.00 8.85 -19.46
CA ILE A 195 -4.72 8.46 -18.86
C ILE A 195 -4.84 7.18 -17.98
N ASN A 196 -5.86 7.12 -17.16
CA ASN A 196 -6.11 5.94 -16.34
C ASN A 196 -6.30 4.66 -17.21
N LEU A 197 -7.02 4.79 -18.33
CA LEU A 197 -7.21 3.64 -19.23
C LEU A 197 -5.88 3.25 -19.87
N ALA A 198 -5.03 4.23 -20.13
CA ALA A 198 -3.72 3.91 -20.68
C ALA A 198 -2.90 3.11 -19.67
N TYR A 199 -3.01 3.50 -18.41
CA TYR A 199 -2.31 2.77 -17.32
C TYR A 199 -2.83 1.31 -17.21
N ALA A 200 -4.15 1.14 -17.23
CA ALA A 200 -4.78 -0.19 -17.24
C ALA A 200 -4.29 -1.04 -18.39
N ALA A 201 -4.24 -0.44 -19.57
CA ALA A 201 -3.87 -1.17 -20.76
C ALA A 201 -2.44 -1.69 -20.68
N ALA A 202 -1.53 -0.94 -20.06
CA ALA A 202 -0.11 -1.32 -20.03
C ALA A 202 0.16 -2.22 -18.84
N SER A 203 -0.47 -1.96 -17.70
CA SER A 203 -0.24 -2.77 -16.47
C SER A 203 -1.03 -4.10 -16.49
N ARG A 204 -2.06 -4.15 -17.34
CA ARG A 204 -2.97 -5.27 -17.44
C ARG A 204 -3.85 -5.42 -16.20
N GLN A 205 -4.06 -4.30 -15.51
CA GLN A 205 -4.81 -4.27 -14.29
C GLN A 205 -5.86 -3.19 -14.41
N GLY A 206 -7.08 -3.56 -14.10
CA GLY A 206 -8.19 -2.65 -14.11
C GLY A 206 -8.49 -2.11 -12.73
N ASP A 207 -9.54 -1.29 -12.67
CA ASP A 207 -9.91 -0.56 -11.46
C ASP A 207 -10.18 -1.46 -10.25
N ASN A 208 -10.64 -2.69 -10.49
CA ASN A 208 -10.87 -3.63 -9.40
C ASN A 208 -9.75 -4.68 -9.17
N ASP A 209 -8.66 -4.55 -9.92
CA ASP A 209 -7.46 -5.33 -9.73
C ASP A 209 -6.40 -4.57 -8.90
N VAL A 210 -6.28 -3.26 -9.11
CA VAL A 210 -5.26 -2.46 -8.42
C VAL A 210 -5.49 -2.47 -6.92
N PRO A 211 -4.42 -2.31 -6.13
CA PRO A 211 -4.61 -2.46 -4.68
C PRO A 211 -5.17 -1.25 -3.93
N TYR A 212 -5.29 -0.12 -4.62
CA TYR A 212 -5.94 1.07 -4.09
C TYR A 212 -6.38 1.86 -5.31
N THR A 213 -7.33 2.78 -5.12
CA THR A 213 -7.80 3.60 -6.22
C THR A 213 -6.72 4.59 -6.60
N SER A 214 -6.38 4.60 -7.88
CA SER A 214 -5.34 5.45 -8.39
C SER A 214 -5.70 6.93 -8.30
N ILE A 215 -4.69 7.75 -8.01
CA ILE A 215 -4.82 9.20 -8.08
CA ILE A 215 -4.85 9.20 -8.10
C ILE A 215 -4.27 9.59 -9.45
N VAL A 216 -5.11 10.17 -10.30
CA VAL A 216 -4.70 10.56 -11.65
C VAL A 216 -5.10 12.03 -11.78
N ALA A 217 -4.13 12.92 -11.59
CA ALA A 217 -4.45 14.32 -11.32
C ALA A 217 -3.69 15.28 -12.23
N LEU A 218 -4.42 16.12 -12.98
CA LEU A 218 -3.80 17.15 -13.85
C LEU A 218 -3.87 18.55 -13.19
N ASN A 219 -2.83 19.34 -13.42
CA ASN A 219 -2.77 20.73 -13.03
C ASN A 219 -3.05 20.89 -11.50
N GLU A 220 -3.93 21.80 -11.12
CA GLU A 220 -4.21 22.09 -9.71
C GLU A 220 -4.76 20.89 -8.96
N HIS A 221 -5.32 19.90 -9.67
CA HIS A 221 -5.77 18.67 -8.99
C HIS A 221 -4.63 17.96 -8.31
N ALA A 222 -3.41 18.14 -8.81
CA ALA A 222 -2.27 17.54 -8.16
C ALA A 222 -2.08 18.04 -6.73
N SER A 223 -2.68 19.18 -6.37
CA SER A 223 -2.66 19.68 -4.96
C SER A 223 -3.64 19.00 -4.00
N ILE A 224 -4.54 18.20 -4.55
CA ILE A 224 -5.60 17.57 -3.80
C ILE A 224 -5.19 16.12 -3.48
N LEU A 225 -4.80 15.88 -2.23
CA LEU A 225 -4.11 14.63 -1.89
C LEU A 225 -4.99 13.38 -2.11
N HIS A 226 -6.29 13.51 -1.83
CA HIS A 226 -7.25 12.41 -2.06
C HIS A 226 -8.11 12.73 -3.28
N TYR A 227 -7.50 13.17 -4.37
CA TYR A 227 -8.24 13.50 -5.57
C TYR A 227 -8.76 12.20 -6.18
N MET A 228 -10.09 12.01 -6.15
CA MET A 228 -10.70 10.75 -6.57
C MET A 228 -11.45 10.84 -7.91
N GLN A 229 -11.83 12.05 -8.33
CA GLN A 229 -12.40 12.23 -9.67
C GLN A 229 -11.40 11.84 -10.76
N ASP A 231 -11.67 13.51 -14.43
CA ASP A 231 -12.32 14.26 -15.50
C ASP A 231 -12.22 13.48 -16.81
N THR A 232 -13.28 13.55 -17.61
CA THR A 232 -13.31 12.91 -18.93
C THR A 232 -13.00 13.85 -20.08
N VAL A 233 -12.83 15.14 -19.78
CA VAL A 233 -12.34 16.10 -20.77
C VAL A 233 -11.04 16.67 -20.22
N ALA A 234 -10.06 16.80 -21.09
CA ALA A 234 -8.76 17.34 -20.79
C ALA A 234 -8.86 18.86 -20.61
N PRO A 235 -8.03 19.41 -19.71
CA PRO A 235 -7.99 20.87 -19.57
C PRO A 235 -7.46 21.54 -20.85
N LYS A 236 -7.77 22.82 -21.03
CA LYS A 236 -7.30 23.56 -22.22
C LYS A 236 -5.80 23.46 -22.34
N GLU A 237 -5.12 23.65 -21.20
CA GLU A 237 -3.67 23.47 -21.11
C GLU A 237 -3.40 22.44 -20.02
N SER A 238 -2.77 21.33 -20.38
CA SER A 238 -2.38 20.31 -19.41
C SER A 238 -0.93 20.61 -19.09
N ARG A 239 -0.64 21.21 -17.94
CA ARG A 239 0.73 21.65 -17.64
C ARG A 239 1.49 20.74 -16.67
N SER A 240 0.76 20.02 -15.83
CA SER A 240 1.38 19.11 -14.88
C SER A 240 0.50 17.88 -14.65
N PHE A 241 1.11 16.84 -14.12
CA PHE A 241 0.48 15.52 -13.93
C PHE A 241 1.08 14.80 -12.72
N LEU A 242 0.23 14.41 -11.76
CA LEU A 242 0.66 13.57 -10.65
C LEU A 242 -0.15 12.27 -10.75
N ILE A 243 0.54 11.14 -10.74
CA ILE A 243 -0.11 9.83 -10.69
C ILE A 243 0.42 8.97 -9.58
N ASP A 244 -0.49 8.55 -8.70
CA ASP A 244 -0.23 7.61 -7.66
C ASP A 244 -1.06 6.35 -7.99
N ALA A 245 -0.35 5.32 -8.40
CA ALA A 245 -1.00 4.07 -8.86
C ALA A 245 -0.07 2.89 -8.67
N GLY A 246 -0.67 1.71 -8.44
CA GLY A 246 0.09 0.50 -8.21
C GLY A 246 -0.41 -0.66 -9.02
N ALA A 247 -0.20 -1.85 -8.48
CA ALA A 247 -0.62 -3.13 -9.09
C ALA A 247 -0.59 -4.19 -7.99
N ASN A 248 -1.24 -5.32 -8.25
CA ASN A 248 -1.23 -6.49 -7.38
C ASN A 248 -0.54 -7.63 -8.13
N TYR A 249 0.22 -8.43 -7.39
CA TYR A 249 0.67 -9.74 -7.83
C TYR A 249 0.47 -10.70 -6.69
N HIS A 250 -0.45 -11.66 -6.87
CA HIS A 250 -0.77 -12.64 -5.81
C HIS A 250 -1.18 -11.96 -4.51
N GLY A 251 -1.85 -10.82 -4.60
CA GLY A 251 -2.28 -10.12 -3.40
C GLY A 251 -1.27 -9.14 -2.78
N TYR A 252 -0.04 -9.10 -3.31
CA TYR A 252 1.02 -8.15 -2.86
C TYR A 252 0.99 -6.87 -3.71
N ALA A 253 1.15 -5.73 -3.04
CA ALA A 253 0.99 -4.42 -3.67
C ALA A 253 2.31 -3.76 -4.05
N ALA A 254 2.25 -3.00 -5.14
CA ALA A 254 3.13 -1.88 -5.47
C ALA A 254 2.36 -0.60 -5.23
N ASP A 255 3.08 0.50 -4.99
CA ASP A 255 2.47 1.76 -4.60
C ASP A 255 3.44 2.87 -5.02
N ILE A 256 3.20 3.44 -6.21
CA ILE A 256 4.20 4.30 -6.86
C ILE A 256 3.59 5.63 -7.23
N THR A 257 4.34 6.73 -7.00
CA THR A 257 3.91 8.05 -7.42
C THR A 257 5.00 8.75 -8.25
N ARG A 258 4.57 9.35 -9.33
CA ARG A 258 5.44 10.17 -10.16
C ARG A 258 4.70 11.44 -10.53
N THR A 259 5.47 12.50 -10.79
CA THR A 259 4.94 13.79 -11.17
C THR A 259 5.72 14.28 -12.37
N TYR A 260 5.02 14.98 -13.24
CA TYR A 260 5.59 15.41 -14.51
C TYR A 260 5.17 16.85 -14.83
N ALA A 261 6.00 17.50 -15.64
CA ALA A 261 5.78 18.82 -16.19
C ALA A 261 5.64 18.73 -17.71
N GLN A 262 4.65 19.40 -18.27
CA GLN A 262 4.47 19.36 -19.73
C GLN A 262 5.48 20.25 -20.40
N GLU A 263 6.13 19.74 -21.43
CA GLU A 263 7.05 20.55 -22.21
C GLU A 263 6.30 21.71 -22.91
N GLY A 264 6.98 22.84 -23.02
CA GLY A 264 6.43 23.99 -23.75
C GLY A 264 5.43 24.91 -23.09
N VAL A 265 5.04 24.66 -21.84
CA VAL A 265 4.10 25.58 -21.18
C VAL A 265 4.92 26.65 -20.44
N HIS A 266 4.31 27.77 -20.15
CA HIS A 266 4.98 28.81 -19.37
C HIS A 266 5.40 28.25 -18.02
N ASN A 267 6.65 28.49 -17.65
CA ASN A 267 7.22 28.03 -16.37
C ASN A 267 7.39 26.50 -16.26
N SER A 268 7.35 25.80 -17.39
CA SER A 268 7.58 24.35 -17.43
C SER A 268 8.91 23.95 -16.79
N ALA A 269 9.99 24.63 -17.19
CA ALA A 269 11.32 24.30 -16.70
C ALA A 269 11.42 24.49 -15.18
N MET A 270 10.81 25.55 -14.69
CA MET A 270 10.81 25.89 -13.26
C MET A 270 10.13 24.75 -12.47
N PHE A 271 8.97 24.32 -12.93
CA PHE A 271 8.24 23.24 -12.24
C PHE A 271 9.00 21.92 -12.34
N ARG A 272 9.49 21.62 -13.55
CA ARG A 272 10.37 20.47 -13.77
C ARG A 272 11.53 20.43 -12.80
N ASP A 273 12.19 21.59 -12.60
CA ASP A 273 13.30 21.65 -11.64
C ASP A 273 12.82 21.41 -10.20
N LEU A 274 11.62 21.85 -9.84
CA LEU A 274 11.07 21.59 -8.50
C LEU A 274 10.84 20.08 -8.33
N ILE A 275 10.38 19.43 -9.39
CA ILE A 275 10.17 17.96 -9.33
C ILE A 275 11.52 17.30 -9.10
N GLN A 276 12.53 17.73 -9.85
CA GLN A 276 13.86 17.20 -9.68
C GLN A 276 14.38 17.38 -8.25
N ALA A 277 14.04 18.49 -7.59
CA ALA A 277 14.52 18.68 -6.21
C ALA A 277 13.84 17.70 -5.23
N VAL A 278 12.53 17.50 -5.40
CA VAL A 278 11.79 16.49 -4.64
C VAL A 278 12.34 15.09 -4.90
N ASP A 279 12.55 14.76 -6.17
CA ASP A 279 13.24 13.51 -6.53
C ASP A 279 14.56 13.30 -5.79
N LYS A 280 15.38 14.34 -5.66
CA LYS A 280 16.66 14.17 -4.97
C LYS A 280 16.42 13.91 -3.49
N VAL A 281 15.37 14.51 -2.90
CA VAL A 281 14.99 14.16 -1.53
C VAL A 281 14.60 12.67 -1.44
N THR A 282 13.76 12.18 -2.36
CA THR A 282 13.40 10.75 -2.34
C THR A 282 14.65 9.86 -2.29
N LEU A 283 15.59 10.11 -3.21
CA LEU A 283 16.77 9.28 -3.31
C LEU A 283 17.67 9.40 -2.10
N THR A 284 17.79 10.61 -1.55
CA THR A 284 18.61 10.81 -0.33
C THR A 284 18.01 10.07 0.86
N LEU A 285 16.70 10.13 0.98
CA LEU A 285 16.01 9.43 2.06
C LEU A 285 16.15 7.92 1.94
N VAL A 286 16.04 7.42 0.70
CA VAL A 286 16.25 5.99 0.47
C VAL A 286 17.64 5.57 0.97
N ASP A 287 18.66 6.38 0.72
CA ASP A 287 20.02 6.04 1.19
C ASP A 287 20.17 6.11 2.71
N SER A 288 19.25 6.82 3.37
CA SER A 288 19.27 6.93 4.83
C SER A 288 18.56 5.77 5.50
N LEU A 289 17.80 4.99 4.72
CA LEU A 289 17.21 3.74 5.23
C LEU A 289 18.30 2.72 5.45
N LYS A 290 18.46 2.28 6.69
CA LYS A 290 19.46 1.29 7.01
C LYS A 290 18.95 0.59 8.26
N PRO A 291 19.29 -0.69 8.44
CA PRO A 291 18.86 -1.38 9.65
C PRO A 291 19.33 -0.62 10.88
N GLY A 292 18.45 -0.40 11.85
CA GLY A 292 18.82 0.31 13.08
C GLY A 292 18.26 1.72 13.18
N VAL A 293 17.94 2.33 12.03
CA VAL A 293 17.37 3.69 11.96
C VAL A 293 15.92 3.68 12.45
N ALA A 294 15.51 4.72 13.18
CA ALA A 294 14.12 4.91 13.53
C ALA A 294 13.40 5.56 12.36
N TYR A 295 12.30 4.98 11.90
CA TYR A 295 11.63 5.51 10.71
C TYR A 295 11.13 6.95 10.93
N THR A 296 10.82 7.32 12.18
CA THR A 296 10.44 8.70 12.48
C THR A 296 11.54 9.70 12.10
N ASP A 297 12.80 9.33 12.28
CA ASP A 297 13.92 10.17 11.88
C ASP A 297 13.99 10.38 10.37
N ILE A 298 13.50 9.41 9.60
CA ILE A 298 13.40 9.55 8.16
C ILE A 298 12.36 10.64 7.84
N HIS A 299 11.25 10.61 8.55
CA HIS A 299 10.20 11.62 8.37
C HIS A 299 10.73 13.04 8.69
N LEU A 300 11.44 13.16 9.79
CA LEU A 300 11.99 14.46 10.19
C LEU A 300 13.05 14.94 9.18
N LEU A 301 13.86 14.03 8.68
CA LEU A 301 14.84 14.31 7.62
C LEU A 301 14.18 14.78 6.33
N ALA A 302 13.03 14.19 5.98
CA ALA A 302 12.22 14.70 4.87
C ALA A 302 11.85 16.17 5.06
N HIS A 303 11.39 16.52 6.27
CA HIS A 303 11.05 17.91 6.56
C HIS A 303 12.26 18.84 6.42
N ASP A 304 13.43 18.37 6.79
CA ASP A 304 14.65 19.15 6.57
C ASP A 304 14.88 19.38 5.05
N GLY A 305 14.65 18.35 4.23
CA GLY A 305 14.85 18.49 2.79
C GLY A 305 13.87 19.44 2.14
N ILE A 306 12.60 19.35 2.54
CA ILE A 306 11.57 20.24 2.04
C ILE A 306 11.89 21.71 2.45
N ALA A 307 12.29 21.92 3.71
CA ALA A 307 12.74 23.25 4.16
C ALA A 307 13.86 23.81 3.27
N GLN A 308 14.80 22.96 2.88
CA GLN A 308 15.93 23.42 2.05
C GLN A 308 15.45 23.89 0.68
N ILE A 309 14.49 23.16 0.12
CA ILE A 309 13.88 23.53 -1.14
C ILE A 309 13.09 24.84 -1.00
N LEU A 310 12.27 24.95 0.05
CA LEU A 310 11.50 26.16 0.27
C LEU A 310 12.41 27.40 0.41
N HIS A 311 13.55 27.21 1.05
CA HIS A 311 14.57 28.27 1.17
C HIS A 311 15.21 28.58 -0.20
N ASP A 312 15.70 27.56 -0.88
CA ASP A 312 16.50 27.72 -2.11
C ASP A 312 15.71 28.35 -3.23
N THR A 313 14.43 28.01 -3.32
CA THR A 313 13.56 28.59 -4.31
C THR A 313 13.07 30.00 -3.98
N GLY A 314 13.44 30.53 -2.82
CA GLY A 314 12.90 31.83 -2.37
C GLY A 314 11.42 31.81 -2.02
N MET A 315 10.82 30.62 -1.86
CA MET A 315 9.43 30.58 -1.40
C MET A 315 9.27 31.11 0.03
N VAL A 316 10.24 30.82 0.88
CA VAL A 316 10.17 31.23 2.28
C VAL A 316 11.48 31.90 2.67
N ASN A 317 11.33 33.13 3.15
CA ASN A 317 12.47 34.00 3.49
C ASN A 317 12.95 33.82 4.92
N LEU A 318 13.35 32.59 5.24
CA LEU A 318 13.92 32.20 6.52
C LEU A 318 14.99 31.16 6.23
N THR A 319 15.85 30.88 7.21
CA THR A 319 16.83 29.82 7.02
C THR A 319 16.10 28.46 7.08
N PRO A 320 16.73 27.40 6.52
CA PRO A 320 16.04 26.11 6.53
C PRO A 320 15.60 25.62 7.92
N PRO A 321 16.49 25.69 8.95
CA PRO A 321 15.99 25.24 10.25
C PRO A 321 14.84 26.10 10.83
N GLU A 322 14.84 27.39 10.51
CA GLU A 322 13.77 28.29 10.93
C GLU A 322 12.45 27.95 10.26
N ILE A 323 12.52 27.52 9.01
CA ILE A 323 11.32 27.12 8.27
C ILE A 323 10.70 25.87 8.94
N VAL A 324 11.55 24.92 9.33
CA VAL A 324 11.12 23.72 10.07
C VAL A 324 10.52 24.11 11.41
N GLU A 325 11.30 24.85 12.19
CA GLU A 325 10.92 25.18 13.58
C GLU A 325 9.70 26.07 13.69
N MET A 326 9.43 26.91 12.70
CA MET A 326 8.19 27.67 12.67
C MET A 326 6.98 26.85 12.19
N GLY A 327 7.18 25.63 11.71
CA GLY A 327 6.06 24.79 11.31
C GLY A 327 5.62 24.96 9.86
N ILE A 328 6.33 25.78 9.10
CA ILE A 328 5.95 26.11 7.74
C ILE A 328 6.04 24.89 6.80
N THR A 329 6.97 23.97 7.04
CA THR A 329 7.10 22.83 6.12
C THR A 329 5.81 22.01 6.06
N ARG A 330 5.01 22.01 7.13
CA ARG A 330 3.78 21.21 7.17
C ARG A 330 2.70 21.70 6.23
N THR A 331 2.75 22.98 5.83
CA THR A 331 1.80 23.53 4.89
C THR A 331 2.05 22.92 3.52
N PHE A 332 3.32 22.68 3.22
CA PHE A 332 3.75 22.20 1.90
C PHE A 332 3.90 20.69 1.80
N PHE A 333 4.15 20.04 2.92
CA PHE A 333 4.33 18.59 2.99
C PHE A 333 3.59 18.11 4.26
N PRO A 334 2.29 17.83 4.12
CA PRO A 334 1.40 17.64 5.28
C PRO A 334 1.16 16.18 5.69
N HIS A 335 1.67 15.23 4.92
CA HIS A 335 1.44 13.80 5.15
C HIS A 335 2.70 13.07 5.58
N GLY A 336 2.58 11.76 5.81
CA GLY A 336 3.73 11.00 6.25
C GLY A 336 4.72 10.71 5.14
N ILE A 337 5.96 10.45 5.52
CA ILE A 337 7.07 10.16 4.55
C ILE A 337 6.96 8.76 3.91
N GLY A 338 6.14 7.89 4.50
CA GLY A 338 5.92 6.56 3.92
C GLY A 338 5.51 5.53 4.96
N HIS A 339 5.54 4.28 4.54
CA HIS A 339 4.85 3.24 5.31
C HIS A 339 5.32 1.88 4.86
N PHE A 340 5.16 0.89 5.73
CA PHE A 340 5.28 -0.50 5.30
C PHE A 340 4.37 -0.78 4.10
N LEU A 341 4.83 -1.67 3.20
CA LEU A 341 4.11 -2.08 1.99
C LEU A 341 4.12 -3.60 1.97
N GLY A 342 3.02 -4.21 1.59
CA GLY A 342 2.96 -5.68 1.51
C GLY A 342 1.66 -6.21 0.95
N LEU A 343 1.05 -7.14 1.68
CA LEU A 343 -0.26 -7.65 1.36
C LEU A 343 -1.30 -6.56 1.38
N GLN A 344 -1.08 -5.55 2.22
CA GLN A 344 -1.92 -4.37 2.26
C GLN A 344 -1.04 -3.17 1.89
N VAL A 345 -1.64 -2.15 1.28
CA VAL A 345 -0.89 -0.98 0.79
C VAL A 345 -0.28 -0.20 1.95
N HIS A 346 -1.13 0.17 2.90
CA HIS A 346 -0.71 0.64 4.20
C HIS A 346 -0.62 -0.59 5.07
N ASP A 347 0.53 -1.22 5.00
CA ASP A 347 0.67 -2.54 5.58
C ASP A 347 0.71 -2.44 7.11
N VAL A 348 0.43 -3.57 7.73
CA VAL A 348 0.16 -3.68 9.16
C VAL A 348 1.41 -3.53 10.01
N GLY A 349 1.21 -3.15 11.27
CA GLY A 349 2.27 -3.12 12.27
C GLY A 349 3.13 -1.87 12.33
N GLY A 350 2.76 -0.79 11.63
CA GLY A 350 3.62 0.40 11.53
C GLY A 350 3.69 1.23 12.81
N LEU A 351 2.66 1.15 13.64
CA LEU A 351 2.53 2.02 14.80
C LEU A 351 2.50 1.23 16.11
N VAL A 352 3.18 0.09 16.14
CA VAL A 352 3.36 -0.67 17.38
C VAL A 352 4.82 -0.83 17.70
N ASN A 353 5.10 -1.04 18.98
CA ASN A 353 6.47 -1.15 19.46
C ASN A 353 6.95 -2.58 19.59
N ASP A 354 6.01 -3.52 19.67
CA ASP A 354 6.39 -4.91 19.85
C ASP A 354 5.32 -5.80 19.27
N ASP A 355 5.46 -7.11 19.46
CA ASP A 355 4.55 -8.07 18.86
C ASP A 355 3.32 -8.39 19.71
N ARG A 356 3.14 -7.62 20.79
CA ARG A 356 1.96 -7.72 21.67
CA ARG A 356 1.95 -7.74 21.63
C ARG A 356 1.02 -6.54 21.45
N GLY A 357 1.37 -5.66 20.51
CA GLY A 357 0.52 -4.52 20.18
C GLY A 357 0.69 -3.27 21.03
N THR A 358 1.80 -3.12 21.74
CA THR A 358 2.06 -1.88 22.50
C THR A 358 2.09 -0.69 21.54
N PRO A 359 1.22 0.31 21.75
CA PRO A 359 1.25 1.43 20.81
C PRO A 359 2.56 2.21 20.80
N LYS A 360 2.91 2.67 19.61
CA LYS A 360 3.92 3.71 19.42
C LYS A 360 3.40 4.70 18.39
N PRO A 361 2.47 5.59 18.81
CA PRO A 361 1.82 6.49 17.86
C PRO A 361 2.80 7.49 17.23
N ALA A 362 2.38 8.12 16.13
CA ALA A 362 3.16 9.18 15.48
C ALA A 362 3.24 10.39 16.41
N PRO A 363 4.27 11.24 16.26
CA PRO A 363 4.26 12.48 17.06
C PRO A 363 2.98 13.31 16.83
N ASP A 364 2.60 14.13 17.81
CA ASP A 364 1.47 15.07 17.70
C ASP A 364 1.55 16.05 16.53
N ASP A 365 2.76 16.47 16.19
CA ASP A 365 2.95 17.45 15.12
C ASP A 365 3.13 16.76 13.78
N HIS A 366 3.01 15.43 13.78
CA HIS A 366 3.14 14.63 12.56
C HIS A 366 2.13 13.50 12.61
N PRO A 367 0.83 13.85 12.71
CA PRO A 367 -0.19 12.87 13.03
C PRO A 367 -0.50 11.87 11.92
N PHE A 368 -0.12 12.19 10.68
CA PHE A 368 -0.39 11.29 9.53
C PHE A 368 0.80 10.38 9.20
N LEU A 369 1.84 10.38 10.04
CA LEU A 369 2.94 9.44 9.85
C LEU A 369 2.43 8.03 10.19
N ARG A 370 2.61 7.10 9.26
CA ARG A 370 2.02 5.75 9.39
C ARG A 370 2.98 4.67 9.92
N CYS A 371 4.25 5.02 10.11
CA CYS A 371 5.25 4.07 10.61
C CYS A 371 6.21 4.76 11.57
N THR A 372 6.40 4.14 12.74
CA THR A 372 7.39 4.58 13.74
C THR A 372 8.35 3.44 14.11
N ARG A 373 8.29 2.34 13.36
CA ARG A 373 9.13 1.17 13.65
C ARG A 373 10.61 1.42 13.37
N MET A 374 11.46 0.65 14.03
CA MET A 374 12.87 0.59 13.70
C MET A 374 13.02 -0.14 12.37
N VAL A 375 13.85 0.41 11.51
CA VAL A 375 14.18 -0.21 10.25
C VAL A 375 14.98 -1.50 10.45
N GLU A 376 14.57 -2.55 9.74
CA GLU A 376 15.25 -3.83 9.78
C GLU A 376 15.24 -4.50 8.41
N ALA A 377 16.18 -5.42 8.23
CA ALA A 377 16.27 -6.22 7.03
C ALA A 377 14.98 -7.01 6.80
N ARG A 378 14.67 -7.20 5.52
CA ARG A 378 13.46 -7.87 5.03
C ARG A 378 12.18 -7.03 5.11
N GLN A 379 12.27 -5.81 5.62
CA GLN A 379 11.13 -4.90 5.55
C GLN A 379 11.06 -4.20 4.20
N VAL A 380 9.85 -3.87 3.78
CA VAL A 380 9.60 -3.16 2.53
C VAL A 380 8.83 -1.86 2.86
N PHE A 381 9.33 -0.74 2.31
CA PHE A 381 8.85 0.59 2.64
C PHE A 381 8.52 1.38 1.39
N THR A 382 7.60 2.32 1.53
CA THR A 382 7.49 3.40 0.58
C THR A 382 8.31 4.56 1.18
N ILE A 383 8.85 5.38 0.28
CA ILE A 383 9.45 6.69 0.61
C ILE A 383 8.81 7.67 -0.35
N GLU A 384 8.12 8.68 0.19
CA GLU A 384 7.22 9.49 -0.61
C GLU A 384 7.16 10.95 -0.17
N PRO A 385 8.30 11.65 -0.27
CA PRO A 385 8.22 13.08 -0.01
C PRO A 385 7.34 13.78 -1.04
N GLY A 386 6.77 14.91 -0.63
CA GLY A 386 5.89 15.71 -1.46
C GLY A 386 6.05 17.19 -1.16
N LEU A 387 5.63 18.01 -2.11
CA LEU A 387 5.66 19.47 -1.99
C LEU A 387 4.49 19.95 -2.80
N TYR A 388 3.47 20.46 -2.13
CA TYR A 388 2.20 20.81 -2.77
C TYR A 388 1.81 22.27 -2.55
N PHE A 389 0.91 22.76 -3.38
CA PHE A 389 0.35 24.11 -3.31
C PHE A 389 -1.14 24.03 -3.11
N ILE A 390 -1.49 23.77 -1.85
CA ILE A 390 -2.83 23.39 -1.44
C ILE A 390 -3.59 24.63 -1.02
N ASP A 391 -4.61 24.98 -1.79
CA ASP A 391 -5.20 26.32 -1.66
C ASP A 391 -5.70 26.55 -0.23
N SER A 392 -6.41 25.57 0.32
CA SER A 392 -6.92 25.67 1.69
C SER A 392 -5.83 25.90 2.75
N LEU A 393 -4.71 25.18 2.68
CA LEU A 393 -3.61 25.40 3.62
C LEU A 393 -2.85 26.70 3.35
N LEU A 394 -2.77 27.12 2.10
CA LEU A 394 -2.09 28.39 1.81
C LEU A 394 -2.92 29.56 2.34
N ARG A 395 -4.24 29.45 2.21
CA ARG A 395 -5.16 30.43 2.76
C ARG A 395 -5.07 30.51 4.29
N ASP A 396 -5.01 29.35 4.96
CA ASP A 396 -4.77 29.33 6.41
C ASP A 396 -3.46 30.01 6.75
N LEU A 397 -2.42 29.71 5.96
CA LEU A 397 -1.10 30.28 6.20
C LEU A 397 -1.08 31.80 6.01
N LYS A 398 -1.84 32.29 5.01
CA LYS A 398 -1.87 33.72 4.67
C LYS A 398 -2.47 34.54 5.82
N ALA A 399 -3.37 33.90 6.56
CA ALA A 399 -4.01 34.49 7.72
C ALA A 399 -3.19 34.36 9.03
N THR A 400 -1.96 33.85 8.97
CA THR A 400 -1.09 33.82 10.14
C THR A 400 0.03 34.84 10.00
N PRO A 401 0.75 35.11 11.10
CA PRO A 401 1.96 35.92 11.04
C PRO A 401 3.07 35.33 10.18
N ALA A 402 3.06 34.01 9.95
CA ALA A 402 4.05 33.42 9.06
C ALA A 402 3.91 33.88 7.59
N SER A 403 2.77 34.47 7.24
CA SER A 403 2.52 34.95 5.88
CA SER A 403 2.51 34.95 5.89
C SER A 403 3.53 35.96 5.40
N LYS A 404 4.13 36.73 6.32
CA LYS A 404 5.08 37.74 5.88
C LYS A 404 6.41 37.19 5.41
N TYR A 405 6.69 35.91 5.70
CA TYR A 405 7.92 35.29 5.24
C TYR A 405 7.77 34.62 3.87
N ILE A 406 6.53 34.52 3.38
CA ILE A 406 6.24 33.78 2.14
C ILE A 406 6.30 34.73 0.95
N ASN A 407 6.98 34.32 -0.11
CA ASN A 407 6.94 35.10 -1.34
C ASN A 407 5.75 34.63 -2.13
N TRP A 408 4.63 35.32 -1.98
CA TRP A 408 3.36 34.92 -2.58
C TRP A 408 3.38 35.02 -4.12
N ASP A 409 4.27 35.84 -4.66
CA ASP A 409 4.43 35.85 -6.13
C ASP A 409 5.01 34.53 -6.61
N THR A 410 6.01 34.01 -5.91
CA THR A 410 6.58 32.73 -6.25
C THR A 410 5.55 31.61 -6.05
N ILE A 411 4.75 31.69 -5.00
CA ILE A 411 3.70 30.71 -4.79
C ILE A 411 2.73 30.72 -5.97
N ASP A 412 2.35 31.93 -6.41
CA ASP A 412 1.42 32.09 -7.53
C ASP A 412 1.98 31.51 -8.81
N ALA A 413 3.29 31.52 -8.99
CA ALA A 413 3.90 30.95 -10.20
C ALA A 413 3.85 29.42 -10.18
N TYR A 414 4.04 28.80 -9.01
CA TYR A 414 3.97 27.35 -8.89
C TYR A 414 2.54 26.78 -8.76
N LYS A 415 1.62 27.56 -8.21
CA LYS A 415 0.30 27.09 -7.84
C LYS A 415 -0.46 26.38 -8.97
N PRO A 416 -0.37 26.89 -10.22
CA PRO A 416 -1.15 26.23 -11.29
C PRO A 416 -0.70 24.82 -11.65
N PHE A 417 0.47 24.41 -11.14
CA PHE A 417 0.98 23.07 -11.36
C PHE A 417 0.57 22.07 -10.27
N GLY A 418 -0.09 22.57 -9.22
CA GLY A 418 -0.67 21.77 -8.15
C GLY A 418 0.26 21.29 -7.06
N GLY A 419 1.15 20.37 -7.42
CA GLY A 419 2.03 19.77 -6.44
C GLY A 419 2.81 18.58 -6.97
N ILE A 420 3.60 17.98 -6.09
CA ILE A 420 4.60 16.98 -6.42
C ILE A 420 4.70 15.92 -5.35
N ARG A 421 4.71 14.66 -5.81
CA ARG A 421 5.13 13.55 -4.97
C ARG A 421 5.91 12.53 -5.81
N ILE A 422 7.00 12.02 -5.23
CA ILE A 422 7.86 11.03 -5.88
C ILE A 422 8.00 9.91 -4.89
N GLU A 423 7.33 8.78 -5.18
CA GLU A 423 7.25 7.66 -4.27
C GLU A 423 7.84 6.42 -4.86
N ASP A 424 8.84 5.85 -4.18
CA ASP A 424 9.47 4.60 -4.55
C ASP A 424 9.14 3.50 -3.52
N ASN A 425 9.36 2.25 -3.90
CA ASN A 425 9.17 1.06 -3.05
C ASN A 425 10.51 0.36 -2.88
N ILE A 426 10.92 0.16 -1.62
CA ILE A 426 12.26 -0.25 -1.32
CA ILE A 426 12.27 -0.17 -1.24
C ILE A 426 12.28 -1.44 -0.37
N ILE A 427 13.06 -2.44 -0.75
CA ILE A 427 13.33 -3.58 0.13
C ILE A 427 14.64 -3.27 0.85
N VAL A 428 14.61 -3.37 2.18
CA VAL A 428 15.79 -3.18 3.00
C VAL A 428 16.45 -4.54 3.20
N HIS A 429 17.73 -4.62 2.84
CA HIS A 429 18.51 -5.82 3.05
C HIS A 429 19.55 -5.48 4.13
N ARG A 430 20.26 -6.48 4.61
CA ARG A 430 21.23 -6.26 5.66
C ARG A 430 22.30 -5.23 5.30
N ASP A 431 22.83 -5.31 4.07
CA ASP A 431 23.95 -4.46 3.68
C ASP A 431 23.64 -3.42 2.63
N LYS A 432 22.43 -3.41 2.09
CA LYS A 432 22.09 -2.48 1.03
C LYS A 432 20.57 -2.40 0.91
N ASN A 433 20.07 -1.42 0.16
CA ASN A 433 18.65 -1.33 -0.17
C ASN A 433 18.43 -1.67 -1.63
N GLU A 434 17.27 -2.22 -1.92
CA GLU A 434 16.89 -2.54 -3.28
C GLU A 434 15.71 -1.62 -3.61
N ASN A 435 15.93 -0.63 -4.45
CA ASN A 435 14.86 0.25 -4.89
C ASN A 435 14.22 -0.41 -6.08
N MET A 436 13.14 -1.14 -5.82
CA MET A 436 12.50 -1.94 -6.87
C MET A 436 12.09 -1.06 -8.02
N THR A 437 11.60 0.12 -7.67
CA THR A 437 11.02 1.03 -8.62
C THR A 437 12.06 1.58 -9.59
N ARG A 438 13.21 2.00 -9.05
CA ARG A 438 14.32 2.55 -9.85
C ARG A 438 15.03 1.47 -10.63
N ASP A 439 15.08 0.27 -10.07
CA ASP A 439 15.64 -0.89 -10.73
C ASP A 439 14.91 -1.22 -12.02
N LEU A 440 13.65 -0.80 -12.11
CA LEU A 440 12.83 -1.00 -13.32
C LEU A 440 12.89 0.20 -14.26
N ASP A 441 13.82 1.10 -14.01
CA ASP A 441 14.12 2.25 -14.88
C ASP A 441 12.98 3.27 -14.90
N LEU A 442 12.23 3.37 -13.78
CA LEU A 442 11.28 4.46 -13.60
C LEU A 442 11.98 5.58 -12.85
N ASN A 443 12.40 6.58 -13.61
CA ASN A 443 12.97 7.83 -13.09
C ASN A 443 11.96 8.99 -13.25
N LEU A 444 12.31 10.05 -13.99
CA LEU A 444 11.47 11.27 -14.07
C LEU A 444 10.89 11.65 -15.45
N GLU A 445 11.48 11.16 -16.54
CA GLU A 445 10.89 11.33 -17.87
C GLU A 445 11.34 10.16 -18.77
N HIS A 446 10.42 9.63 -19.58
CA HIS A 446 10.69 8.41 -20.37
C HIS A 446 10.18 8.53 -21.81
#